data_6Y68
#
_entry.id   6Y68
#
_cell.length_a   90.348
_cell.length_b   90.348
_cell.length_c   506.380
_cell.angle_alpha   90.000
_cell.angle_beta   90.000
_cell.angle_gamma   120.000
#
_symmetry.space_group_name_H-M   'H 3 2'
#
loop_
_entity.id
_entity.type
_entity.pdbx_description
1 polymer 'Envelope polyprotein'
2 branched alpha-D-mannopyranose-(1-3)-beta-D-mannopyranose-(1-4)-2-acetamido-2-deoxy-beta-D-glucopyranose-(1-4)-2-acetamido-2-deoxy-beta-D-glucopyranose
3 non-polymer 'CADMIUM ION'
4 water water
#
_entity_poly.entity_id   1
_entity_poly.type   'polypeptide(L)'
_entity_poly.pdbx_seq_one_letter_code
;ETTQVEPGWSDTAHGVGEVPLKTDLELDFSLPSSSSYSYRRKLTNPANKEESIPFHFQMDKQVIHAEVQVLGHWMDATFN
IKTAFHCYGACQKYSYPWQTAKCFFEKDYQYENGWGCNPGDCPGVGTGCTACGIYLDKLKSVGKAYKIISLKYSRKVCIQ
LGTEQTCKHIDANDCLVTPSVKVCMVGTVSKLQPADTILFLGPLEQGGIILKQWCTTSCTFGDPGDIMSTTAGMRCPEHT
GSFRKICAFATTPVCEYQGNTISGYKRMMATKDSFQSFNLTDPHLTTNKLEWIDPDGNTRDHVNLVLNRDVSFQDLSDNP
CKVDLHTQSIEGAWGSGVGFTLTCTVSLTECPSFMTSIKACDMAMCYGSTVTNLARGSNTVKVVGKGGHSGSAFKCCHDT
DCSTEGLAASAPHLERVTGVNQIDSDKVYDDGAPPCTLKCWFTKSGEWLWGILNGNPFEDDDDKAGWSHPQFEKGGGSGG
GSGGGSWSHPQFEK
;
_entity_poly.pdbx_strand_id   A
#
# COMPACT_ATOMS: atom_id res chain seq x y z
N GLU A 6 27.25 18.96 -27.80
CA GLU A 6 26.10 19.57 -27.15
C GLU A 6 25.43 18.73 -26.04
N PRO A 7 25.27 17.41 -26.23
CA PRO A 7 24.63 16.60 -25.18
C PRO A 7 25.38 16.71 -23.87
N GLY A 8 24.66 17.18 -22.85
CA GLY A 8 25.19 17.21 -21.51
C GLY A 8 25.20 15.83 -20.90
N TRP A 9 25.91 15.72 -19.79
CA TRP A 9 26.04 14.45 -19.11
C TRP A 9 24.70 14.04 -18.50
N SER A 10 24.47 12.73 -18.47
CA SER A 10 23.25 12.21 -17.90
C SER A 10 23.52 10.78 -17.48
N ASP A 11 22.87 10.35 -16.39
CA ASP A 11 22.91 8.94 -16.00
C ASP A 11 21.51 8.32 -15.92
N THR A 12 20.49 8.96 -16.53
CA THR A 12 19.13 8.44 -16.45
C THR A 12 18.86 7.25 -17.37
N ALA A 13 19.61 7.09 -18.47
CA ALA A 13 19.45 5.95 -19.37
C ALA A 13 20.22 4.74 -18.84
N HIS A 14 19.50 3.65 -18.60
CA HIS A 14 20.08 2.39 -18.15
C HIS A 14 20.10 1.47 -19.37
N GLY A 15 21.30 1.23 -19.90
CA GLY A 15 21.43 0.43 -21.10
C GLY A 15 22.77 0.70 -21.77
N VAL A 16 22.88 0.26 -23.03
CA VAL A 16 24.16 0.28 -23.74
C VAL A 16 23.97 0.74 -25.18
N GLY A 17 25.06 1.21 -25.77
CA GLY A 17 25.25 1.21 -27.20
C GLY A 17 26.19 0.07 -27.54
N GLU A 18 25.80 -0.74 -28.52
CA GLU A 18 26.55 -1.95 -28.85
C GLU A 18 26.66 -2.11 -30.37
N VAL A 19 27.53 -3.03 -30.79
CA VAL A 19 27.59 -3.52 -32.17
C VAL A 19 27.18 -5.00 -32.14
N PRO A 20 26.06 -5.37 -32.75
CA PRO A 20 25.60 -6.76 -32.66
C PRO A 20 26.57 -7.79 -33.21
N LEU A 21 27.35 -7.47 -34.25
CA LEU A 21 28.28 -8.47 -34.76
C LEU A 21 29.39 -8.81 -33.76
N LYS A 22 29.58 -7.98 -32.72
CA LYS A 22 30.55 -8.23 -31.67
C LYS A 22 29.92 -8.84 -30.41
N THR A 23 28.65 -9.22 -30.45
CA THR A 23 27.99 -9.86 -29.32
C THR A 23 28.32 -11.35 -29.30
N ASP A 24 28.88 -11.80 -28.18
CA ASP A 24 29.22 -13.21 -27.99
C ASP A 24 27.98 -14.06 -27.75
N LEU A 25 26.93 -13.49 -27.17
CA LEU A 25 25.80 -14.28 -26.70
C LEU A 25 24.63 -13.35 -26.40
N GLU A 26 23.46 -13.68 -26.94
CA GLU A 26 22.21 -13.02 -26.59
C GLU A 26 21.23 -14.07 -26.08
N LEU A 27 20.64 -13.81 -24.92
CA LEU A 27 19.49 -14.56 -24.43
C LEU A 27 18.24 -13.68 -24.56
N ASP A 28 17.15 -14.23 -25.12
CA ASP A 28 15.89 -13.50 -25.21
C ASP A 28 14.77 -14.49 -24.91
N PHE A 29 13.97 -14.21 -23.89
CA PHE A 29 13.01 -15.21 -23.42
C PHE A 29 12.02 -14.58 -22.46
N SER A 30 10.84 -15.18 -22.38
CA SER A 30 9.87 -14.83 -21.34
C SER A 30 10.00 -15.80 -20.16
N LEU A 31 9.71 -15.28 -18.98
CA LEU A 31 9.87 -16.07 -17.78
C LEU A 31 8.70 -15.80 -16.83
N PRO A 32 8.12 -16.84 -16.23
CA PRO A 32 7.10 -16.59 -15.21
C PRO A 32 7.68 -15.79 -14.06
N SER A 33 6.82 -14.99 -13.44
CA SER A 33 7.24 -14.20 -12.29
C SER A 33 7.69 -15.08 -11.15
N SER A 34 7.02 -16.21 -10.97
CA SER A 34 7.31 -17.12 -9.88
C SER A 34 8.39 -18.12 -10.23
N SER A 35 9.11 -17.89 -11.32
CA SER A 35 10.19 -18.76 -11.73
C SER A 35 11.52 -18.03 -11.66
N SER A 36 12.55 -18.75 -11.26
CA SER A 36 13.91 -18.28 -11.39
C SER A 36 14.51 -18.83 -12.67
N TYR A 37 15.72 -18.40 -12.99
CA TYR A 37 16.36 -18.85 -14.21
C TYR A 37 17.87 -18.84 -14.00
N SER A 38 18.50 -19.91 -14.45
CA SER A 38 19.93 -20.08 -14.27
C SER A 38 20.55 -20.54 -15.57
N TYR A 39 21.69 -19.97 -15.91
CA TYR A 39 22.39 -20.29 -17.16
C TYR A 39 23.87 -20.24 -16.86
N ARG A 40 24.59 -21.32 -17.16
CA ARG A 40 26.04 -21.37 -16.99
C ARG A 40 26.67 -21.96 -18.24
N ARG A 41 27.73 -21.31 -18.74
CA ARG A 41 28.39 -21.78 -19.94
C ARG A 41 29.84 -21.32 -19.92
N LYS A 42 30.73 -22.18 -20.41
CA LYS A 42 32.12 -21.82 -20.67
C LYS A 42 32.21 -21.28 -22.10
N LEU A 43 32.47 -19.99 -22.25
CA LEU A 43 32.52 -19.37 -23.57
C LEU A 43 33.86 -19.68 -24.24
N THR A 44 33.79 -20.24 -25.46
CA THR A 44 34.98 -20.76 -26.15
C THR A 44 35.92 -19.68 -26.67
N ASN A 45 35.57 -18.41 -26.47
CA ASN A 45 36.44 -17.30 -26.85
C ASN A 45 37.47 -17.11 -25.73
N PRO A 46 38.30 -16.04 -25.71
CA PRO A 46 38.48 -14.80 -26.48
C PRO A 46 39.29 -15.00 -27.76
N ALA A 47 38.85 -15.95 -28.60
CA ALA A 47 39.61 -16.40 -29.76
C ALA A 47 41.03 -16.84 -29.35
N ASN A 48 41.21 -17.08 -28.05
CA ASN A 48 42.49 -17.52 -27.49
C ASN A 48 42.61 -19.02 -27.41
N LYS A 49 41.47 -19.74 -27.35
CA LYS A 49 41.40 -21.19 -27.46
C LYS A 49 41.99 -21.89 -26.23
N GLU A 50 43.24 -21.57 -25.88
CA GLU A 50 43.86 -22.19 -24.71
C GLU A 50 43.07 -21.89 -23.43
N GLU A 51 42.31 -20.78 -23.41
CA GLU A 51 41.61 -20.37 -22.21
C GLU A 51 40.19 -19.96 -22.55
N SER A 52 39.24 -20.43 -21.73
CA SER A 52 37.83 -20.15 -21.92
C SER A 52 37.36 -19.16 -20.85
N ILE A 53 36.16 -18.63 -21.06
CA ILE A 53 35.60 -17.57 -20.23
C ILE A 53 34.40 -18.14 -19.49
N PRO A 54 34.45 -18.30 -18.18
CA PRO A 54 33.26 -18.72 -17.43
C PRO A 54 32.19 -17.64 -17.46
N PHE A 55 30.93 -18.07 -17.53
CA PHE A 55 29.83 -17.12 -17.51
C PHE A 55 28.66 -17.70 -16.72
N HIS A 56 28.26 -17.01 -15.65
CA HIS A 56 27.08 -17.35 -14.84
C HIS A 56 26.03 -16.25 -14.97
N PHE A 57 24.77 -16.65 -15.12
CA PHE A 57 23.64 -15.73 -15.08
C PHE A 57 22.56 -16.31 -14.19
N GLN A 58 22.20 -15.59 -13.14
CA GLN A 58 21.19 -16.02 -12.21
C GLN A 58 20.13 -14.93 -12.11
N MET A 59 18.87 -15.36 -12.15
CA MET A 59 17.75 -14.43 -12.03
C MET A 59 16.78 -15.02 -11.02
N ASP A 60 16.58 -14.31 -9.91
CA ASP A 60 15.71 -14.80 -8.86
C ASP A 60 14.24 -14.58 -9.25
N LYS A 61 13.34 -15.27 -8.55
CA LYS A 61 11.92 -15.02 -8.70
C LYS A 61 11.62 -13.56 -8.40
N GLN A 62 10.58 -13.05 -9.05
CA GLN A 62 10.14 -11.69 -8.78
C GLN A 62 9.57 -11.61 -7.36
N VAL A 63 9.95 -10.55 -6.66
CA VAL A 63 9.42 -10.22 -5.35
C VAL A 63 8.56 -8.97 -5.50
N ILE A 64 7.35 -9.01 -4.92
CA ILE A 64 6.44 -7.87 -4.88
C ILE A 64 6.55 -7.20 -3.52
N HIS A 65 6.71 -5.87 -3.54
CA HIS A 65 6.77 -5.07 -2.32
C HIS A 65 5.63 -4.06 -2.34
N ALA A 66 4.81 -4.08 -1.29
CA ALA A 66 3.66 -3.21 -1.12
C ALA A 66 3.82 -2.39 0.15
N GLU A 67 3.79 -1.07 0.01
CA GLU A 67 3.57 -0.20 1.15
C GLU A 67 2.07 -0.14 1.41
N VAL A 68 1.66 -0.46 2.63
CA VAL A 68 0.24 -0.64 2.95
C VAL A 68 -0.14 0.22 4.14
N GLN A 69 -1.42 0.59 4.17
CA GLN A 69 -2.05 1.14 5.36
C GLN A 69 -2.71 -0.01 6.11
N VAL A 70 -2.30 -0.23 7.35
CA VAL A 70 -2.93 -1.24 8.19
C VAL A 70 -4.28 -0.71 8.65
N LEU A 71 -5.35 -1.42 8.33
CA LEU A 71 -6.70 -0.97 8.63
C LEU A 71 -7.32 -1.65 9.85
N GLY A 72 -6.64 -2.65 10.42
CA GLY A 72 -7.18 -3.38 11.55
C GLY A 72 -7.95 -4.63 11.15
N HIS A 73 -8.85 -5.04 12.03
CA HIS A 73 -9.64 -6.25 11.87
C HIS A 73 -11.07 -5.90 11.45
N TRP A 74 -11.51 -6.47 10.35
CA TRP A 74 -12.92 -6.41 9.97
C TRP A 74 -13.75 -7.31 10.89
N MET A 75 -14.87 -6.78 11.36
CA MET A 75 -15.69 -7.41 12.38
C MET A 75 -17.05 -7.77 11.79
N ASP A 76 -17.55 -8.92 12.19
CA ASP A 76 -18.94 -9.28 11.97
C ASP A 76 -19.73 -9.00 13.26
N ALA A 77 -21.01 -8.67 13.12
CA ALA A 77 -21.79 -8.31 14.30
C ALA A 77 -23.26 -8.60 14.06
N THR A 78 -24.01 -8.53 15.16
CA THR A 78 -25.46 -8.67 15.17
C THR A 78 -26.10 -7.32 15.49
N PHE A 79 -27.17 -7.00 14.75
CA PHE A 79 -27.95 -5.78 14.94
C PHE A 79 -28.99 -6.00 16.03
N ASN A 80 -29.13 -5.02 16.93
CA ASN A 80 -30.09 -5.07 18.02
C ASN A 80 -30.63 -3.67 18.27
N ILE A 81 -31.84 -3.62 18.84
CA ILE A 81 -32.50 -2.36 19.21
C ILE A 81 -33.27 -2.57 20.51
N LYS A 82 -33.20 -1.58 21.41
CA LYS A 82 -33.91 -1.64 22.67
C LYS A 82 -34.49 -0.26 22.99
N THR A 83 -35.52 -0.25 23.83
CA THR A 83 -36.29 0.95 24.17
C THR A 83 -36.21 1.21 25.67
N ALA A 84 -36.12 2.49 26.03
CA ALA A 84 -36.03 2.89 27.42
C ALA A 84 -36.92 4.10 27.63
N PHE A 85 -37.96 3.95 28.45
CA PHE A 85 -38.91 5.01 28.73
C PHE A 85 -38.69 5.53 30.14
N HIS A 86 -38.77 6.86 30.29
CA HIS A 86 -38.72 7.50 31.60
C HIS A 86 -39.85 8.51 31.68
N CYS A 87 -40.55 8.50 32.81
CA CYS A 87 -41.80 9.24 32.88
C CYS A 87 -41.58 10.74 32.93
N TYR A 88 -40.52 11.19 33.62
CA TYR A 88 -40.24 12.61 33.73
C TYR A 88 -38.77 12.86 33.44
N GLY A 89 -38.41 14.14 33.39
CA GLY A 89 -37.03 14.52 33.19
C GLY A 89 -36.63 14.44 31.73
N ALA A 90 -35.34 14.62 31.50
CA ALA A 90 -34.78 14.57 30.16
C ALA A 90 -34.09 13.23 29.92
N CYS A 91 -33.78 12.96 28.65
CA CYS A 91 -33.14 11.70 28.29
C CYS A 91 -31.71 11.61 28.79
N GLN A 92 -31.04 12.74 29.02
CA GLN A 92 -29.70 12.73 29.56
C GLN A 92 -29.69 12.28 31.02
N LYS A 93 -30.79 12.52 31.75
CA LYS A 93 -30.86 12.25 33.18
C LYS A 93 -30.80 10.78 33.54
N TYR A 94 -30.60 9.88 32.58
CA TYR A 94 -30.55 8.45 32.85
C TYR A 94 -29.54 7.80 31.92
N SER A 95 -28.96 6.69 32.37
CA SER A 95 -28.10 5.88 31.51
C SER A 95 -28.94 4.77 30.87
N TYR A 96 -28.33 4.05 29.94
CA TYR A 96 -29.04 3.09 29.13
C TYR A 96 -28.20 1.85 28.90
N PRO A 97 -28.84 0.68 28.75
CA PRO A 97 -28.07 -0.57 28.63
C PRO A 97 -27.21 -0.64 27.37
N TRP A 98 -27.67 -0.08 26.25
CA TRP A 98 -26.88 -0.14 25.03
C TRP A 98 -25.57 0.63 25.14
N GLN A 99 -25.45 1.56 26.09
CA GLN A 99 -24.21 2.32 26.21
C GLN A 99 -23.03 1.47 26.65
N THR A 100 -23.25 0.21 27.01
CA THR A 100 -22.19 -0.73 27.35
C THR A 100 -21.65 -1.47 26.12
N ALA A 101 -22.23 -1.26 24.94
CA ALA A 101 -21.86 -1.97 23.74
C ALA A 101 -20.72 -1.28 23.02
N LYS A 102 -20.05 -2.04 22.15
CA LYS A 102 -18.92 -1.51 21.39
C LYS A 102 -19.37 -0.38 20.46
N CYS A 103 -20.44 -0.63 19.69
CA CYS A 103 -21.03 0.33 18.77
C CYS A 103 -22.50 0.49 19.10
N PHE A 104 -22.94 1.74 19.27
CA PHE A 104 -24.34 2.03 19.51
C PHE A 104 -24.67 3.42 18.99
N PHE A 105 -25.93 3.59 18.59
CA PHE A 105 -26.46 4.86 18.10
C PHE A 105 -27.82 5.10 18.74
N GLU A 106 -28.05 6.33 19.19
CA GLU A 106 -29.20 6.65 20.02
C GLU A 106 -30.00 7.80 19.41
N LYS A 107 -31.32 7.66 19.39
CA LYS A 107 -32.24 8.72 19.03
C LYS A 107 -33.24 8.89 20.17
N ASP A 108 -33.42 10.12 20.63
CA ASP A 108 -34.21 10.41 21.82
C ASP A 108 -35.45 11.21 21.43
N TYR A 109 -36.62 10.71 21.82
CA TYR A 109 -37.89 11.42 21.67
C TYR A 109 -38.18 12.09 23.01
N GLN A 110 -37.93 13.39 23.07
CA GLN A 110 -37.94 14.11 24.34
C GLN A 110 -39.17 15.00 24.46
N TYR A 111 -39.81 14.96 25.62
CA TYR A 111 -40.88 15.90 25.97
C TYR A 111 -42.07 15.81 25.00
N GLU A 112 -42.56 14.60 24.80
CA GLU A 112 -43.69 14.38 23.89
C GLU A 112 -44.38 13.08 24.29
N ASN A 113 -45.32 13.19 25.22
CA ASN A 113 -46.21 12.10 25.58
C ASN A 113 -47.63 12.64 25.75
N GLY A 114 -48.08 13.40 24.74
CA GLY A 114 -49.43 13.94 24.73
C GLY A 114 -50.49 12.86 24.72
N TRP A 115 -50.58 12.14 25.84
CA TRP A 115 -51.46 10.99 26.01
C TRP A 115 -51.24 9.89 24.97
N GLY A 116 -51.18 10.26 23.69
CA GLY A 116 -51.03 9.25 22.64
C GLY A 116 -49.92 8.27 22.91
N CYS A 117 -48.86 8.72 23.56
CA CYS A 117 -47.69 7.91 23.85
C CYS A 117 -47.43 7.94 25.35
N ASN A 118 -48.22 7.16 26.10
CA ASN A 118 -48.06 7.19 27.53
C ASN A 118 -48.44 5.86 28.15
N PRO A 119 -47.59 5.32 29.03
CA PRO A 119 -47.98 4.12 29.79
C PRO A 119 -48.97 4.49 30.89
N GLY A 120 -49.65 3.45 31.40
CA GLY A 120 -50.70 3.68 32.37
C GLY A 120 -50.24 4.44 33.61
N ASP A 121 -49.01 4.19 34.06
CA ASP A 121 -48.49 4.77 35.30
C ASP A 121 -48.03 6.21 35.15
N CYS A 122 -47.91 6.74 33.94
CA CYS A 122 -47.28 8.04 33.71
C CYS A 122 -48.32 9.06 33.26
N PRO A 123 -48.90 9.84 34.18
CA PRO A 123 -49.90 10.85 33.81
C PRO A 123 -49.25 12.20 33.49
N GLY A 124 -48.42 12.23 32.47
CA GLY A 124 -47.75 13.45 32.06
C GLY A 124 -47.93 13.70 30.58
N VAL A 125 -47.88 14.98 30.22
CA VAL A 125 -47.98 15.42 28.83
C VAL A 125 -46.84 16.38 28.55
N GLY A 126 -46.13 16.14 27.44
CA GLY A 126 -45.01 16.98 27.07
C GLY A 126 -43.84 16.91 28.02
N THR A 127 -43.76 15.87 28.84
CA THR A 127 -42.68 15.65 29.79
C THR A 127 -41.97 14.33 29.47
N GLY A 128 -41.00 13.98 30.32
CA GLY A 128 -40.30 12.73 30.14
C GLY A 128 -39.54 12.60 28.83
N CYS A 129 -39.19 11.36 28.51
CA CYS A 129 -38.43 11.10 27.30
C CYS A 129 -38.49 9.61 26.99
N THR A 130 -38.45 9.29 25.70
CA THR A 130 -38.40 7.90 25.22
C THR A 130 -37.14 7.76 24.38
N ALA A 131 -36.18 6.96 24.85
CA ALA A 131 -34.88 6.82 24.20
C ALA A 131 -34.85 5.54 23.36
N CYS A 132 -34.43 5.68 22.10
CA CYS A 132 -34.26 4.56 21.18
C CYS A 132 -32.79 4.33 20.92
N GLY A 133 -32.33 3.09 21.06
CA GLY A 133 -30.93 2.78 20.92
C GLY A 133 -30.69 1.49 20.17
N ILE A 134 -29.88 1.56 19.11
CA ILE A 134 -29.46 0.39 18.35
C ILE A 134 -28.01 0.10 18.69
N TYR A 135 -27.69 -1.18 18.87
CA TYR A 135 -26.36 -1.57 19.29
C TYR A 135 -25.97 -2.85 18.58
N LEU A 136 -24.66 -3.10 18.53
CA LEU A 136 -24.10 -4.28 17.88
C LEU A 136 -23.41 -5.14 18.93
N ASP A 137 -23.65 -6.45 18.89
CA ASP A 137 -22.97 -7.39 19.78
C ASP A 137 -22.60 -8.63 18.98
N LYS A 138 -22.10 -9.65 19.68
CA LYS A 138 -21.58 -10.86 19.04
C LYS A 138 -20.49 -10.51 18.02
N LEU A 139 -19.70 -9.49 18.34
CA LEU A 139 -18.61 -9.07 17.47
C LEU A 139 -17.56 -10.18 17.39
N LYS A 140 -17.19 -10.55 16.16
CA LYS A 140 -16.14 -11.52 15.91
C LYS A 140 -15.26 -11.04 14.76
N SER A 141 -13.96 -11.19 14.94
CA SER A 141 -13.01 -10.84 13.88
C SER A 141 -13.11 -11.83 12.72
N VAL A 142 -13.21 -11.29 11.50
CA VAL A 142 -13.34 -12.11 10.31
C VAL A 142 -12.19 -11.93 9.33
N GLY A 143 -11.36 -10.91 9.47
CA GLY A 143 -10.15 -10.83 8.69
C GLY A 143 -9.41 -9.54 8.92
N LYS A 144 -8.23 -9.45 8.30
CA LYS A 144 -7.34 -8.31 8.40
C LYS A 144 -7.30 -7.62 7.05
N ALA A 145 -7.40 -6.29 7.07
CA ALA A 145 -7.50 -5.53 5.83
C ALA A 145 -6.36 -4.51 5.75
N TYR A 146 -5.87 -4.27 4.53
CA TYR A 146 -4.81 -3.31 4.25
C TYR A 146 -5.17 -2.58 2.96
N LYS A 147 -4.86 -1.29 2.91
CA LYS A 147 -5.05 -0.50 1.71
C LYS A 147 -3.67 -0.24 1.09
N ILE A 148 -3.55 -0.46 -0.20
CA ILE A 148 -2.24 -0.42 -0.85
C ILE A 148 -1.85 1.03 -1.15
N ILE A 149 -0.69 1.45 -0.66
CA ILE A 149 -0.16 2.77 -0.97
C ILE A 149 0.66 2.74 -2.26
N SER A 150 1.58 1.78 -2.37
CA SER A 150 2.41 1.67 -3.56
C SER A 150 2.82 0.22 -3.77
N LEU A 151 3.20 -0.09 -5.01
CA LEU A 151 3.62 -1.42 -5.42
C LEU A 151 4.94 -1.32 -6.18
N LYS A 152 5.86 -2.22 -5.86
CA LYS A 152 7.17 -2.34 -6.50
C LYS A 152 7.39 -3.77 -6.97
N TYR A 153 8.06 -3.95 -8.10
CA TYR A 153 8.31 -5.27 -8.65
C TYR A 153 9.80 -5.35 -9.00
N SER A 154 10.51 -6.34 -8.46
CA SER A 154 11.92 -6.45 -8.79
C SER A 154 12.37 -7.90 -8.81
N ARG A 155 13.50 -8.12 -9.49
CA ARG A 155 14.16 -9.43 -9.50
C ARG A 155 15.63 -9.23 -9.17
N LYS A 156 16.15 -10.03 -8.25
CA LYS A 156 17.58 -10.06 -8.02
C LYS A 156 18.27 -10.77 -9.18
N VAL A 157 19.36 -10.20 -9.66
CA VAL A 157 20.10 -10.75 -10.78
C VAL A 157 21.57 -10.78 -10.40
N CYS A 158 22.22 -11.91 -10.66
CA CYS A 158 23.65 -12.07 -10.42
C CYS A 158 24.32 -12.51 -11.71
N ILE A 159 25.41 -11.82 -12.03
CA ILE A 159 26.17 -12.02 -13.24
C ILE A 159 27.60 -12.31 -12.85
N GLN A 160 28.15 -13.41 -13.37
CA GLN A 160 29.55 -13.71 -13.21
C GLN A 160 30.18 -13.87 -14.59
N LEU A 161 31.17 -13.03 -14.89
CA LEU A 161 31.94 -13.10 -16.11
C LEU A 161 33.41 -13.29 -15.73
N GLY A 162 33.94 -14.49 -15.97
CA GLY A 162 35.25 -14.80 -15.46
C GLY A 162 35.24 -14.87 -13.95
N THR A 163 36.09 -14.09 -13.30
CA THR A 163 36.19 -14.12 -11.85
C THR A 163 35.61 -12.86 -11.23
N GLU A 164 34.72 -12.19 -11.92
CA GLU A 164 34.11 -10.95 -11.44
C GLU A 164 32.61 -11.16 -11.35
N GLN A 165 32.04 -10.89 -10.18
CA GLN A 165 30.62 -11.09 -9.93
C GLN A 165 29.93 -9.75 -9.70
N THR A 166 28.66 -9.67 -10.11
CA THR A 166 27.83 -8.49 -9.89
C THR A 166 26.42 -8.97 -9.61
N CYS A 167 25.87 -8.56 -8.49
CA CYS A 167 24.48 -8.85 -8.15
C CYS A 167 23.76 -7.56 -7.90
N LYS A 168 22.53 -7.46 -8.41
CA LYS A 168 21.75 -6.28 -8.14
C LYS A 168 20.27 -6.64 -8.24
N HIS A 169 19.44 -5.95 -7.46
CA HIS A 169 18.00 -6.01 -7.64
C HIS A 169 17.62 -5.08 -8.79
N ILE A 170 17.02 -5.64 -9.82
CA ILE A 170 16.52 -4.87 -10.95
C ILE A 170 15.03 -4.69 -10.78
N ASP A 171 14.58 -3.44 -10.86
CA ASP A 171 13.16 -3.16 -10.91
C ASP A 171 12.58 -3.58 -12.26
N ALA A 172 11.28 -3.86 -12.28
CA ALA A 172 10.63 -4.17 -13.54
C ALA A 172 10.77 -2.99 -14.50
N ASN A 173 10.83 -3.33 -15.78
CA ASN A 173 11.03 -2.33 -16.83
C ASN A 173 12.29 -1.51 -16.59
N ASP A 174 13.38 -2.16 -16.16
CA ASP A 174 14.67 -1.51 -15.99
C ASP A 174 15.76 -2.45 -16.52
N CYS A 175 16.98 -1.92 -16.67
CA CYS A 175 18.14 -2.69 -17.13
C CYS A 175 19.27 -2.60 -16.13
N LEU A 176 20.08 -3.64 -16.11
CA LEU A 176 21.33 -3.67 -15.36
C LEU A 176 22.48 -3.71 -16.35
N VAL A 177 23.50 -2.88 -16.13
CA VAL A 177 24.65 -2.84 -17.03
C VAL A 177 25.91 -3.08 -16.23
N THR A 178 26.59 -4.17 -16.52
CA THR A 178 27.91 -4.49 -16.03
C THR A 178 28.92 -4.32 -17.16
N PRO A 179 30.23 -4.41 -16.87
CA PRO A 179 31.23 -4.10 -17.92
C PRO A 179 30.99 -4.75 -19.27
N SER A 180 30.53 -6.01 -19.33
CA SER A 180 30.30 -6.62 -20.63
C SER A 180 28.94 -7.27 -20.78
N VAL A 181 28.05 -7.12 -19.80
CA VAL A 181 26.73 -7.73 -19.84
C VAL A 181 25.69 -6.65 -19.62
N LYS A 182 24.71 -6.59 -20.51
CA LYS A 182 23.46 -5.87 -20.29
C LYS A 182 22.35 -6.89 -20.03
N VAL A 183 21.57 -6.69 -18.98
CA VAL A 183 20.36 -7.49 -18.71
C VAL A 183 19.17 -6.54 -18.57
N CYS A 184 18.11 -6.75 -19.37
CA CYS A 184 16.89 -5.95 -19.29
C CYS A 184 15.63 -6.80 -19.10
N MET A 185 14.65 -6.20 -18.45
CA MET A 185 13.35 -6.79 -18.17
C MET A 185 12.26 -5.86 -18.67
N VAL A 186 11.30 -6.38 -19.43
CA VAL A 186 10.12 -5.62 -19.83
C VAL A 186 8.88 -6.48 -19.62
N GLY A 187 7.77 -5.83 -19.29
CA GLY A 187 6.46 -6.41 -19.45
C GLY A 187 5.73 -6.76 -18.18
N THR A 188 6.41 -6.74 -17.04
CA THR A 188 5.71 -6.99 -15.79
C THR A 188 4.58 -5.97 -15.67
N VAL A 189 3.37 -6.48 -15.44
CA VAL A 189 2.17 -5.68 -15.30
C VAL A 189 1.58 -5.93 -13.92
N SER A 190 0.83 -4.95 -13.43
CA SER A 190 0.31 -4.95 -12.06
C SER A 190 -1.13 -5.46 -12.07
N LYS A 191 -1.38 -6.55 -11.32
CA LYS A 191 -2.75 -6.98 -11.06
C LYS A 191 -3.37 -6.18 -9.91
N LEU A 192 -2.66 -6.10 -8.78
CA LEU A 192 -3.04 -5.17 -7.73
C LEU A 192 -2.81 -3.74 -8.18
N GLN A 193 -3.59 -2.82 -7.61
CA GLN A 193 -3.49 -1.41 -7.96
C GLN A 193 -3.37 -0.58 -6.70
N PRO A 194 -2.66 0.54 -6.74
CA PRO A 194 -2.70 1.47 -5.62
C PRO A 194 -4.12 1.86 -5.27
N ALA A 195 -4.40 1.91 -3.97
CA ALA A 195 -5.69 2.19 -3.29
C ALA A 195 -6.60 0.96 -3.28
N ASP A 196 -6.20 -0.17 -3.84
CA ASP A 196 -6.94 -1.39 -3.61
C ASP A 196 -6.92 -1.72 -2.13
N THR A 197 -7.98 -2.38 -1.68
CA THR A 197 -8.06 -2.94 -0.34
C THR A 197 -7.96 -4.44 -0.47
N ILE A 198 -7.02 -5.03 0.28
CA ILE A 198 -6.83 -6.48 0.31
C ILE A 198 -7.25 -6.98 1.68
N LEU A 199 -7.98 -8.10 1.68
CA LEU A 199 -8.58 -8.65 2.88
C LEU A 199 -8.10 -10.10 3.02
N PHE A 200 -7.64 -10.45 4.22
CA PHE A 200 -7.13 -11.79 4.51
C PHE A 200 -8.06 -12.45 5.52
N LEU A 201 -8.87 -13.39 5.06
CA LEU A 201 -9.79 -14.09 5.96
C LEU A 201 -9.06 -15.05 6.89
N GLY A 202 -7.80 -15.36 6.59
CA GLY A 202 -6.98 -16.21 7.41
C GLY A 202 -5.56 -15.70 7.43
N PRO A 203 -4.60 -16.59 7.70
CA PRO A 203 -3.19 -16.22 7.55
C PRO A 203 -2.87 -15.77 6.12
N LEU A 204 -1.89 -14.87 6.01
CA LEU A 204 -1.48 -14.34 4.71
C LEU A 204 -1.19 -15.45 3.71
N GLU A 205 -0.62 -16.56 4.16
CA GLU A 205 -0.25 -17.65 3.27
C GLU A 205 -1.47 -18.24 2.56
N GLN A 206 -2.68 -18.05 3.07
CA GLN A 206 -3.87 -18.62 2.44
C GLN A 206 -4.50 -17.70 1.42
N GLY A 207 -3.90 -16.57 1.10
CA GLY A 207 -4.40 -15.72 0.05
C GLY A 207 -5.35 -14.63 0.54
N GLY A 208 -5.55 -13.64 -0.34
CA GLY A 208 -6.34 -12.49 -0.01
C GLY A 208 -7.44 -12.25 -1.03
N ILE A 209 -8.32 -11.31 -0.70
CA ILE A 209 -9.42 -10.89 -1.57
C ILE A 209 -9.21 -9.43 -1.90
N ILE A 210 -9.45 -9.08 -3.16
CA ILE A 210 -9.36 -7.69 -3.61
C ILE A 210 -10.77 -7.11 -3.61
N LEU A 211 -10.93 -5.92 -3.05
CA LEU A 211 -12.25 -5.31 -2.91
C LEU A 211 -12.18 -3.88 -3.43
N LYS A 212 -12.82 -3.63 -4.57
CA LYS A 212 -12.80 -2.28 -5.12
C LYS A 212 -13.68 -1.34 -4.32
N GLN A 213 -14.79 -1.86 -3.79
CA GLN A 213 -15.70 -1.10 -2.93
C GLN A 213 -15.33 -1.43 -1.49
N TRP A 214 -14.81 -0.44 -0.77
CA TRP A 214 -14.52 -0.59 0.65
C TRP A 214 -14.69 0.79 1.26
N CYS A 215 -15.51 0.89 2.30
CA CYS A 215 -15.98 2.20 2.71
C CYS A 215 -14.82 3.03 3.25
N THR A 216 -14.79 4.30 2.87
CA THR A 216 -13.73 5.19 3.33
C THR A 216 -14.30 6.46 3.93
N THR A 217 -15.08 7.20 3.15
CA THR A 217 -15.60 8.48 3.59
C THR A 217 -16.99 8.38 4.24
N SER A 218 -17.77 7.34 3.92
CA SER A 218 -19.11 7.13 4.47
C SER A 218 -19.29 5.65 4.76
N CYS A 219 -18.88 5.22 5.95
CA CYS A 219 -19.04 3.85 6.38
C CYS A 219 -20.42 3.67 7.01
N THR A 220 -21.27 2.91 6.33
CA THR A 220 -22.61 2.59 6.77
C THR A 220 -22.69 1.10 7.09
N PHE A 221 -23.41 0.75 8.16
CA PHE A 221 -23.61 -0.65 8.51
C PHE A 221 -24.12 -1.45 7.32
N GLY A 222 -23.39 -2.48 6.94
CA GLY A 222 -23.67 -3.24 5.73
C GLY A 222 -22.71 -2.99 4.59
N ASP A 223 -21.92 -1.91 4.64
CA ASP A 223 -20.88 -1.63 3.65
C ASP A 223 -19.69 -2.57 3.87
N PRO A 224 -18.89 -2.80 2.83
CA PRO A 224 -17.63 -3.54 3.03
C PRO A 224 -16.67 -2.71 3.87
N GLY A 225 -16.21 -3.28 4.98
CA GLY A 225 -15.39 -2.54 5.91
C GLY A 225 -16.16 -1.67 6.88
N ASP A 226 -17.42 -2.00 7.17
CA ASP A 226 -18.25 -1.15 8.00
C ASP A 226 -17.76 -1.11 9.44
N ILE A 227 -17.40 -2.26 10.01
CA ILE A 227 -17.01 -2.36 11.41
C ILE A 227 -15.55 -2.78 11.43
N MET A 228 -14.68 -1.86 11.82
CA MET A 228 -13.25 -2.10 11.88
C MET A 228 -12.80 -2.00 13.32
N SER A 229 -12.00 -2.96 13.77
CA SER A 229 -11.40 -2.92 15.08
C SER A 229 -9.92 -2.65 14.91
N THR A 230 -9.46 -1.49 15.36
CA THR A 230 -8.10 -1.04 15.14
C THR A 230 -7.34 -0.94 16.46
N THR A 231 -6.06 -0.59 16.36
CA THR A 231 -5.22 -0.39 17.53
C THR A 231 -5.72 0.78 18.37
N ALA A 232 -6.28 1.79 17.71
CA ALA A 232 -6.81 2.97 18.35
C ALA A 232 -8.27 2.79 18.80
N GLY A 233 -8.74 1.55 18.89
CA GLY A 233 -10.10 1.30 19.31
C GLY A 233 -11.01 0.98 18.14
N MET A 234 -12.29 0.81 18.47
CA MET A 234 -13.26 0.46 17.44
C MET A 234 -13.51 1.63 16.51
N ARG A 235 -13.82 1.30 15.26
CA ARG A 235 -14.41 2.23 14.31
C ARG A 235 -15.81 1.74 13.98
N CYS A 236 -16.82 2.53 14.31
CA CYS A 236 -18.20 2.07 14.23
C CYS A 236 -18.92 2.66 13.02
N PRO A 237 -19.81 1.90 12.41
CA PRO A 237 -20.51 2.40 11.22
C PRO A 237 -21.68 3.29 11.60
N GLU A 238 -22.02 4.19 10.68
CA GLU A 238 -23.24 4.96 10.81
C GLU A 238 -24.45 4.13 10.42
N HIS A 239 -25.59 4.47 10.99
CA HIS A 239 -26.87 3.87 10.63
C HIS A 239 -27.74 4.97 10.03
N THR A 240 -28.16 4.77 8.79
CA THR A 240 -28.82 5.80 8.00
C THR A 240 -30.33 5.62 7.95
N GLY A 241 -30.86 4.59 8.61
CA GLY A 241 -32.28 4.34 8.59
C GLY A 241 -33.03 5.37 9.41
N SER A 242 -34.33 5.12 9.55
CA SER A 242 -35.23 6.02 10.26
C SER A 242 -35.80 5.34 11.50
N PHE A 243 -36.04 6.15 12.53
CA PHE A 243 -36.69 5.69 13.75
C PHE A 243 -38.16 6.08 13.75
N ARG A 244 -38.92 5.38 14.57
CA ARG A 244 -40.35 5.65 14.73
C ARG A 244 -40.78 5.13 16.09
N LYS A 245 -41.54 5.95 16.81
CA LYS A 245 -42.04 5.60 18.14
C LYS A 245 -43.43 4.97 17.98
N ILE A 246 -43.54 3.67 18.28
CA ILE A 246 -44.83 2.99 18.25
C ILE A 246 -45.57 3.26 19.56
N CYS A 247 -46.87 3.56 19.46
CA CYS A 247 -47.64 3.89 20.64
C CYS A 247 -49.04 3.30 20.56
N ALA A 248 -49.55 2.94 21.73
CA ALA A 248 -50.91 2.44 21.87
C ALA A 248 -51.45 2.94 23.21
N PHE A 249 -52.69 2.56 23.51
CA PHE A 249 -53.33 2.99 24.73
C PHE A 249 -52.69 2.31 25.94
N ALA A 250 -52.24 3.12 26.90
CA ALA A 250 -51.81 2.68 28.23
C ALA A 250 -50.60 1.76 28.18
N THR A 251 -50.09 1.49 26.99
CA THR A 251 -48.90 0.67 26.82
C THR A 251 -47.68 1.56 26.65
N THR A 252 -46.52 1.04 27.06
CA THR A 252 -45.30 1.82 26.97
C THR A 252 -44.77 1.84 25.53
N PRO A 253 -44.22 2.97 25.09
CA PRO A 253 -43.79 3.07 23.70
C PRO A 253 -42.69 2.09 23.35
N VAL A 254 -42.65 1.71 22.07
CA VAL A 254 -41.69 0.77 21.53
C VAL A 254 -41.02 1.42 20.33
N CYS A 255 -39.70 1.29 20.24
CA CYS A 255 -38.95 1.82 19.12
C CYS A 255 -39.00 0.86 17.95
N GLU A 256 -39.06 1.43 16.75
CA GLU A 256 -39.01 0.70 15.49
C GLU A 256 -38.04 1.40 14.55
N TYR A 257 -37.20 0.62 13.89
CA TYR A 257 -36.18 1.13 12.99
C TYR A 257 -36.42 0.59 11.59
N GLN A 258 -36.37 1.47 10.59
CA GLN A 258 -36.48 1.10 9.18
C GLN A 258 -35.13 1.32 8.53
N GLY A 259 -34.33 0.27 8.48
CA GLY A 259 -32.99 0.38 7.94
C GLY A 259 -32.34 -0.98 7.81
N ASN A 260 -31.08 -0.97 7.35
CA ASN A 260 -30.34 -2.21 7.16
C ASN A 260 -30.05 -2.89 8.50
N THR A 261 -30.25 -4.20 8.51
CA THR A 261 -30.00 -5.05 9.68
C THR A 261 -28.82 -5.99 9.50
N ILE A 262 -28.44 -6.29 8.26
CA ILE A 262 -27.45 -7.32 7.97
C ILE A 262 -26.09 -6.67 7.78
N SER A 263 -25.07 -7.26 8.41
CA SER A 263 -23.73 -6.68 8.42
C SER A 263 -23.06 -6.81 7.07
N GLY A 264 -22.01 -6.01 6.88
CA GLY A 264 -21.23 -6.07 5.65
C GLY A 264 -20.59 -7.43 5.41
N TYR A 265 -20.09 -8.07 6.46
CA TYR A 265 -19.45 -9.37 6.29
C TYR A 265 -20.45 -10.42 5.81
N LYS A 266 -21.62 -10.51 6.45
CA LYS A 266 -22.64 -11.44 5.99
C LYS A 266 -23.05 -11.16 4.56
N ARG A 267 -23.05 -9.88 4.16
CA ARG A 267 -23.45 -9.53 2.81
C ARG A 267 -22.43 -10.00 1.80
N MET A 268 -21.16 -9.95 2.16
CA MET A 268 -20.12 -10.36 1.22
C MET A 268 -20.07 -11.86 1.05
N MET A 269 -20.21 -12.60 2.16
CA MET A 269 -20.07 -14.05 2.08
C MET A 269 -21.15 -14.67 1.21
N ALA A 270 -22.35 -14.07 1.19
CA ALA A 270 -23.42 -14.61 0.36
C ALA A 270 -23.07 -14.55 -1.13
N THR A 271 -22.18 -13.64 -1.52
CA THR A 271 -21.74 -13.51 -2.90
C THR A 271 -20.21 -13.47 -2.98
N LYS A 272 -19.58 -14.32 -2.17
CA LYS A 272 -18.13 -14.35 -2.00
C LYS A 272 -17.40 -14.57 -3.33
N ASP A 273 -17.96 -15.38 -4.19
CA ASP A 273 -17.30 -15.75 -5.43
C ASP A 273 -17.41 -14.69 -6.50
N SER A 274 -17.89 -13.50 -6.16
CA SER A 274 -17.94 -12.38 -7.09
C SER A 274 -16.64 -11.58 -7.11
N PHE A 275 -15.76 -11.81 -6.16
CA PHE A 275 -14.59 -10.98 -5.93
C PHE A 275 -13.32 -11.72 -6.33
N GLN A 276 -12.31 -10.96 -6.70
CA GLN A 276 -11.05 -11.50 -7.15
C GLN A 276 -10.16 -11.85 -5.96
N SER A 277 -9.58 -13.05 -6.01
CA SER A 277 -8.56 -13.44 -5.05
C SER A 277 -7.17 -13.30 -5.65
N PHE A 278 -6.17 -13.21 -4.77
CA PHE A 278 -4.79 -13.37 -5.17
C PHE A 278 -4.06 -14.20 -4.12
N ASN A 279 -3.06 -14.98 -4.55
CA ASN A 279 -2.34 -15.89 -3.67
C ASN A 279 -0.92 -15.39 -3.42
N LEU A 280 -0.37 -15.74 -2.27
CA LEU A 280 0.92 -15.23 -1.84
C LEU A 280 1.79 -16.42 -1.47
N THR A 281 2.97 -16.50 -2.07
CA THR A 281 4.00 -17.42 -1.64
C THR A 281 4.92 -16.70 -0.68
N ASP A 282 5.15 -17.32 0.47
CA ASP A 282 6.06 -16.82 1.49
C ASP A 282 5.90 -15.32 1.78
N PRO A 283 4.71 -14.88 2.21
CA PRO A 283 4.53 -13.45 2.50
C PRO A 283 5.26 -13.04 3.77
N HIS A 284 5.78 -11.81 3.76
CA HIS A 284 6.43 -11.17 4.89
C HIS A 284 5.70 -9.88 5.21
N LEU A 285 5.16 -9.80 6.41
CA LEU A 285 4.50 -8.61 6.89
C LEU A 285 5.28 -8.08 8.07
N THR A 286 5.75 -6.84 7.98
CA THR A 286 6.36 -6.16 9.12
C THR A 286 5.88 -4.73 9.10
N THR A 287 5.18 -4.33 10.17
CA THR A 287 4.49 -3.05 10.25
C THR A 287 3.64 -2.82 8.99
N ASN A 288 4.05 -1.88 8.14
CA ASN A 288 3.25 -1.48 6.98
C ASN A 288 3.89 -1.86 5.65
N LYS A 289 4.72 -2.90 5.65
CA LYS A 289 5.37 -3.43 4.47
C LYS A 289 4.93 -4.88 4.29
N LEU A 290 4.44 -5.20 3.09
CA LEU A 290 4.05 -6.57 2.75
C LEU A 290 4.84 -7.00 1.51
N GLU A 291 5.64 -8.04 1.64
CA GLU A 291 6.39 -8.59 0.53
C GLU A 291 6.02 -10.04 0.29
N TRP A 292 6.02 -10.44 -0.97
CA TRP A 292 5.60 -11.79 -1.30
C TRP A 292 5.96 -12.07 -2.75
N ILE A 293 5.79 -13.35 -3.12
CA ILE A 293 5.96 -13.82 -4.49
C ILE A 293 4.61 -14.32 -4.99
N ASP A 294 4.17 -13.79 -6.12
CA ASP A 294 2.92 -14.23 -6.72
C ASP A 294 3.11 -15.59 -7.38
N PRO A 295 2.36 -16.62 -6.97
CA PRO A 295 2.55 -17.96 -7.53
C PRO A 295 1.83 -18.23 -8.83
N ASP A 296 1.06 -17.27 -9.36
CA ASP A 296 0.37 -17.42 -10.64
C ASP A 296 1.36 -17.65 -11.78
N GLY A 297 1.39 -18.86 -12.34
CA GLY A 297 2.34 -19.18 -13.39
C GLY A 297 2.14 -18.48 -14.72
N ASN A 298 1.01 -17.82 -14.93
CA ASN A 298 0.72 -17.23 -16.23
C ASN A 298 1.27 -15.81 -16.39
N THR A 299 1.76 -15.20 -15.32
CA THR A 299 2.27 -13.84 -15.39
C THR A 299 3.74 -13.88 -15.77
N ARG A 300 4.05 -13.35 -16.95
CA ARG A 300 5.38 -13.45 -17.53
C ARG A 300 5.93 -12.07 -17.84
N ASP A 301 7.25 -11.95 -17.76
CA ASP A 301 7.99 -10.78 -18.20
C ASP A 301 9.02 -11.21 -19.24
N HIS A 302 9.43 -10.27 -20.08
CA HIS A 302 10.39 -10.52 -21.13
C HIS A 302 11.79 -10.13 -20.68
N VAL A 303 12.74 -11.07 -20.80
CA VAL A 303 14.11 -10.92 -20.33
C VAL A 303 15.06 -10.94 -21.53
N ASN A 304 16.00 -9.98 -21.58
CA ASN A 304 17.02 -9.93 -22.63
C ASN A 304 18.39 -9.76 -22.00
N LEU A 305 19.32 -10.65 -22.36
CA LEU A 305 20.69 -10.59 -21.91
C LEU A 305 21.60 -10.50 -23.13
N VAL A 306 22.54 -9.58 -23.09
CA VAL A 306 23.53 -9.43 -24.15
C VAL A 306 24.91 -9.47 -23.51
N LEU A 307 25.74 -10.39 -23.99
CA LEU A 307 27.12 -10.55 -23.57
C LEU A 307 27.99 -10.08 -24.73
N ASN A 308 28.72 -8.99 -24.52
CA ASN A 308 29.44 -8.32 -25.60
C ASN A 308 30.68 -7.68 -25.00
N ARG A 309 31.85 -8.17 -25.40
CA ARG A 309 33.12 -7.80 -24.78
C ARG A 309 33.95 -6.84 -25.63
N ASP A 310 33.38 -6.29 -26.70
CA ASP A 310 34.11 -5.36 -27.54
C ASP A 310 34.22 -3.99 -26.88
N VAL A 311 35.23 -3.25 -27.31
CA VAL A 311 35.45 -1.90 -26.78
C VAL A 311 34.33 -0.94 -27.17
N SER A 312 33.55 -1.27 -28.21
CA SER A 312 32.42 -0.45 -28.59
C SER A 312 31.20 -0.69 -27.71
N PHE A 313 31.30 -1.55 -26.69
CA PHE A 313 30.20 -1.78 -25.75
C PHE A 313 30.20 -0.64 -24.74
N GLN A 314 29.19 0.20 -24.81
CA GLN A 314 29.24 1.54 -24.24
C GLN A 314 28.08 1.70 -23.26
N ASP A 315 28.40 1.78 -21.96
CA ASP A 315 27.40 2.03 -20.93
C ASP A 315 26.91 3.46 -21.07
N LEU A 316 25.61 3.62 -21.27
CA LEU A 316 25.08 4.93 -21.61
C LEU A 316 25.00 5.87 -20.41
N SER A 317 25.18 5.37 -19.19
CA SER A 317 25.09 6.20 -17.99
C SER A 317 26.45 6.71 -17.49
N ASP A 318 27.57 6.31 -18.11
CA ASP A 318 28.87 6.76 -17.63
C ASP A 318 28.98 8.29 -17.66
N ASN A 319 29.68 8.83 -16.64
CA ASN A 319 29.83 10.26 -16.48
C ASN A 319 30.88 10.56 -15.40
N PRO A 320 31.52 11.72 -15.45
CA PRO A 320 32.47 12.12 -14.40
C PRO A 320 31.88 12.97 -13.28
N CYS A 321 30.55 13.15 -13.26
CA CYS A 321 29.90 14.11 -12.38
C CYS A 321 29.84 13.59 -10.95
N LYS A 322 29.90 14.53 -10.01
CA LYS A 322 29.83 14.23 -8.59
C LYS A 322 28.70 15.03 -7.98
N VAL A 323 27.96 14.41 -7.09
CA VAL A 323 26.76 14.99 -6.53
C VAL A 323 26.86 14.89 -5.02
N ASP A 324 26.63 16.02 -4.33
CA ASP A 324 26.61 16.08 -2.89
C ASP A 324 25.21 16.51 -2.45
N LEU A 325 24.69 15.92 -1.37
CA LEU A 325 23.29 16.02 -1.03
C LEU A 325 23.09 16.46 0.41
N HIS A 326 22.10 17.34 0.63
CA HIS A 326 21.67 17.65 1.98
C HIS A 326 20.15 17.84 1.95
N THR A 327 19.49 17.35 2.99
CA THR A 327 18.04 17.37 3.10
C THR A 327 17.61 18.70 3.72
N GLN A 328 16.92 19.52 2.94
CA GLN A 328 16.54 20.87 3.37
C GLN A 328 15.26 20.87 4.21
N SER A 329 14.13 20.45 3.63
CA SER A 329 12.85 20.49 4.32
C SER A 329 11.96 19.35 3.83
N ILE A 330 10.83 19.17 4.51
CA ILE A 330 9.85 18.14 4.15
C ILE A 330 8.46 18.65 4.46
N GLU A 331 7.48 18.21 3.66
CA GLU A 331 6.08 18.45 3.94
C GLU A 331 5.29 17.24 3.45
N GLY A 332 4.13 17.04 4.03
CA GLY A 332 3.33 15.87 3.73
C GLY A 332 3.43 14.83 4.83
N ALA A 333 2.89 13.66 4.52
CA ALA A 333 2.73 12.61 5.52
C ALA A 333 3.40 11.32 5.07
N TRP A 334 3.84 10.53 6.04
CA TRP A 334 4.22 9.15 5.78
C TRP A 334 2.96 8.28 5.73
N GLY A 335 3.13 7.07 5.22
CA GLY A 335 2.04 6.12 5.13
C GLY A 335 0.82 6.65 4.40
N SER A 336 1.03 7.44 3.35
CA SER A 336 -0.06 8.15 2.69
C SER A 336 0.01 7.93 1.20
N GLY A 337 -1.16 7.82 0.57
CA GLY A 337 -1.19 7.75 -0.88
C GLY A 337 -1.06 9.09 -1.53
N VAL A 338 -1.21 10.17 -0.76
CA VAL A 338 -0.90 11.49 -1.28
C VAL A 338 0.60 11.75 -1.17
N GLY A 339 1.19 11.36 -0.05
CA GLY A 339 2.63 11.26 0.06
C GLY A 339 3.26 12.41 0.81
N PHE A 340 4.58 12.47 0.73
CA PHE A 340 5.32 13.59 1.25
C PHE A 340 6.20 14.11 0.13
N THR A 341 6.67 15.36 0.30
CA THR A 341 7.55 16.03 -0.65
C THR A 341 8.82 16.38 0.11
N LEU A 342 9.94 15.78 -0.30
CA LEU A 342 11.25 16.11 0.25
C LEU A 342 11.90 17.20 -0.59
N THR A 343 12.35 18.27 0.05
CA THR A 343 13.07 19.32 -0.64
C THR A 343 14.57 19.16 -0.38
N CYS A 344 15.33 19.02 -1.46
CA CYS A 344 16.75 18.66 -1.37
C CYS A 344 17.63 19.78 -1.91
N THR A 345 18.81 19.89 -1.34
CA THR A 345 19.86 20.74 -1.89
C THR A 345 20.95 19.84 -2.48
N VAL A 346 21.12 19.92 -3.80
CA VAL A 346 22.01 19.06 -4.57
C VAL A 346 23.09 19.91 -5.22
N SER A 347 24.34 19.68 -4.83
CA SER A 347 25.50 20.39 -5.37
C SER A 347 26.20 19.53 -6.40
N LEU A 348 26.42 20.09 -7.58
CA LEU A 348 27.10 19.42 -8.67
C LEU A 348 28.51 19.97 -8.79
N THR A 349 29.47 19.06 -8.97
CA THR A 349 30.85 19.38 -9.30
C THR A 349 31.32 18.47 -10.42
N GLU A 350 32.40 18.88 -11.10
CA GLU A 350 33.10 18.11 -12.13
C GLU A 350 32.35 18.05 -13.45
N CYS A 351 31.26 18.80 -13.61
CA CYS A 351 30.48 18.82 -14.82
C CYS A 351 29.82 20.19 -14.94
N PRO A 352 29.63 20.70 -16.16
CA PRO A 352 28.81 21.92 -16.29
C PRO A 352 27.33 21.68 -16.00
N SER A 353 26.78 20.54 -16.42
CA SER A 353 25.42 20.18 -16.07
C SER A 353 25.31 18.67 -15.96
N PHE A 354 24.22 18.21 -15.33
CA PHE A 354 24.04 16.77 -15.11
C PHE A 354 22.54 16.46 -14.99
N MET A 355 22.01 15.65 -15.91
CA MET A 355 20.65 15.14 -15.80
C MET A 355 20.66 13.82 -15.03
N THR A 356 19.96 13.77 -13.90
CA THR A 356 20.08 12.63 -13.01
C THR A 356 18.80 12.49 -12.20
N SER A 357 18.74 11.41 -11.41
CA SER A 357 17.60 11.10 -10.56
C SER A 357 17.97 11.26 -9.10
N ILE A 358 17.20 12.08 -8.38
CA ILE A 358 17.32 12.22 -6.95
C ILE A 358 16.15 11.49 -6.30
N LYS A 359 16.45 10.64 -5.31
CA LYS A 359 15.48 9.80 -4.62
C LYS A 359 15.27 10.23 -3.18
N ALA A 360 14.14 9.80 -2.61
CA ALA A 360 13.81 9.94 -1.19
C ALA A 360 13.85 8.56 -0.55
N CYS A 361 14.75 8.37 0.42
CA CYS A 361 15.00 7.05 0.98
C CYS A 361 15.13 7.14 2.49
N ASP A 362 14.79 6.05 3.19
CA ASP A 362 15.13 5.97 4.59
C ASP A 362 16.07 4.80 4.79
N MET A 363 16.10 4.24 6.01
CA MET A 363 16.93 3.08 6.28
C MET A 363 16.51 1.87 5.44
N ALA A 364 15.22 1.72 5.15
CA ALA A 364 14.74 0.48 4.57
C ALA A 364 14.88 0.47 3.06
N MET A 365 14.40 1.51 2.39
CA MET A 365 14.29 1.55 0.94
C MET A 365 14.08 2.99 0.47
N CYS A 366 13.78 3.16 -0.81
CA CYS A 366 13.40 4.44 -1.39
C CYS A 366 11.92 4.42 -1.76
N TYR A 367 11.33 5.60 -1.83
CA TYR A 367 9.89 5.74 -1.91
C TYR A 367 9.45 6.63 -3.06
N GLY A 368 10.37 7.09 -3.88
CA GLY A 368 10.02 8.01 -4.94
C GLY A 368 11.26 8.66 -5.50
N SER A 369 11.13 9.29 -6.67
CA SER A 369 12.28 9.67 -7.45
C SER A 369 11.93 10.85 -8.33
N THR A 370 12.88 11.78 -8.50
CA THR A 370 12.68 12.94 -9.37
C THR A 370 13.83 13.02 -10.37
N VAL A 371 13.50 13.19 -11.66
CA VAL A 371 14.51 13.44 -12.68
C VAL A 371 14.71 14.94 -12.81
N THR A 372 15.97 15.37 -12.74
CA THR A 372 16.25 16.79 -12.66
C THR A 372 17.49 17.10 -13.49
N ASN A 373 17.60 18.36 -13.88
CA ASN A 373 18.75 18.82 -14.65
C ASN A 373 19.56 19.75 -13.77
N LEU A 374 20.67 19.25 -13.26
CA LEU A 374 21.47 19.99 -12.31
C LEU A 374 22.44 20.90 -13.07
N ALA A 375 22.62 22.10 -12.52
CA ALA A 375 23.64 23.02 -12.97
C ALA A 375 24.82 22.99 -11.99
N ARG A 376 26.01 23.30 -12.50
CA ARG A 376 27.18 23.28 -11.65
C ARG A 376 26.96 24.21 -10.45
N GLY A 377 27.25 23.70 -9.25
CA GLY A 377 26.93 24.40 -8.01
C GLY A 377 25.63 23.92 -7.39
N SER A 378 24.87 24.82 -6.78
CA SER A 378 23.78 24.44 -5.90
C SER A 378 22.45 24.35 -6.66
N ASN A 379 21.64 23.35 -6.30
CA ASN A 379 20.31 23.17 -6.88
C ASN A 379 19.31 22.78 -5.79
N THR A 380 18.06 23.13 -6.02
CA THR A 380 16.95 22.69 -5.19
C THR A 380 16.12 21.69 -6.01
N VAL A 381 15.89 20.52 -5.44
CA VAL A 381 15.11 19.46 -6.08
C VAL A 381 14.03 19.01 -5.13
N LYS A 382 12.83 18.80 -5.66
CA LYS A 382 11.72 18.28 -4.89
C LYS A 382 11.41 16.85 -5.33
N VAL A 383 11.26 15.97 -4.35
CA VAL A 383 11.01 14.55 -4.56
C VAL A 383 9.76 14.16 -3.81
N VAL A 384 8.85 13.48 -4.50
CA VAL A 384 7.60 13.00 -3.91
C VAL A 384 7.79 11.53 -3.55
N GLY A 385 7.59 11.21 -2.28
CA GLY A 385 7.64 9.84 -1.81
C GLY A 385 6.28 9.39 -1.30
N LYS A 386 6.04 8.08 -1.38
CA LYS A 386 4.86 7.47 -0.80
C LYS A 386 5.26 6.25 0.01
N GLY A 387 4.69 6.11 1.20
CA GLY A 387 5.03 5.00 2.06
C GLY A 387 5.79 5.48 3.28
N GLY A 388 6.60 4.62 3.87
CA GLY A 388 7.26 4.97 5.10
C GLY A 388 6.36 4.83 6.32
N HIS A 389 6.97 5.08 7.49
CA HIS A 389 6.38 4.83 8.79
C HIS A 389 6.86 5.91 9.75
N SER A 390 6.39 5.82 10.99
CA SER A 390 6.54 6.93 11.93
C SER A 390 8.00 7.24 12.21
N GLY A 391 8.82 6.21 12.43
CA GLY A 391 10.21 6.47 12.67
C GLY A 391 11.05 6.79 11.46
N SER A 392 10.45 6.99 10.29
CA SER A 392 11.24 7.14 9.08
C SER A 392 11.95 8.49 9.06
N ALA A 393 13.24 8.47 8.80
CA ALA A 393 14.01 9.69 8.55
C ALA A 393 14.34 9.71 7.06
N PHE A 394 13.60 10.47 6.28
CA PHE A 394 13.77 10.46 4.83
C PHE A 394 14.95 11.32 4.42
N LYS A 395 15.77 10.78 3.51
CA LYS A 395 17.02 11.38 3.06
C LYS A 395 16.98 11.59 1.56
N CYS A 396 17.75 12.58 1.10
CA CYS A 396 18.03 12.76 -0.32
C CYS A 396 19.17 11.84 -0.72
N CYS A 397 18.97 11.06 -1.78
CA CYS A 397 19.99 10.12 -2.25
C CYS A 397 20.18 10.20 -3.75
N HIS A 398 21.41 9.95 -4.16
CA HIS A 398 21.75 9.71 -5.56
C HIS A 398 22.57 8.43 -5.60
N ASP A 399 22.12 7.46 -6.40
CA ASP A 399 22.66 6.10 -6.33
C ASP A 399 22.63 5.59 -4.90
N THR A 400 23.78 5.18 -4.37
CA THR A 400 23.90 4.75 -2.99
C THR A 400 24.36 5.84 -2.04
N ASP A 401 24.54 7.07 -2.53
CA ASP A 401 25.02 8.17 -1.69
C ASP A 401 23.82 8.95 -1.18
N CYS A 402 23.65 8.98 0.13
CA CYS A 402 22.56 9.72 0.77
C CYS A 402 23.10 10.85 1.62
N SER A 403 22.25 11.83 1.89
CA SER A 403 22.61 12.90 2.80
C SER A 403 22.80 12.36 4.22
N THR A 404 23.60 13.10 5.00
CA THR A 404 23.92 12.68 6.36
C THR A 404 22.67 12.61 7.23
N GLU A 405 21.81 13.61 7.14
CA GLU A 405 20.67 13.72 8.02
C GLU A 405 19.37 13.53 7.25
N GLY A 406 18.36 13.00 7.94
CA GLY A 406 17.05 12.78 7.36
C GLY A 406 15.96 13.51 8.13
N LEU A 407 14.77 13.54 7.55
CA LEU A 407 13.65 14.31 8.09
C LEU A 407 12.39 13.46 8.18
N ALA A 408 11.71 13.55 9.32
CA ALA A 408 10.50 12.78 9.57
C ALA A 408 9.28 13.51 9.01
N ALA A 409 8.32 12.75 8.50
CA ALA A 409 7.13 13.33 7.94
C ALA A 409 6.01 13.31 8.96
N SER A 410 4.91 13.98 8.63
CA SER A 410 3.78 14.03 9.54
C SER A 410 2.95 12.76 9.49
N ALA A 411 2.11 12.59 10.49
CA ALA A 411 1.22 11.45 10.50
C ALA A 411 0.10 11.67 9.48
N PRO A 412 -0.36 10.62 8.83
CA PRO A 412 -1.44 10.77 7.86
C PRO A 412 -2.76 11.03 8.54
N HIS A 413 -3.62 11.79 7.85
CA HIS A 413 -5.03 11.96 8.21
C HIS A 413 -5.83 10.79 7.67
N LEU A 414 -6.18 9.85 8.54
CA LEU A 414 -6.90 8.64 8.19
C LEU A 414 -7.97 8.36 9.24
N GLU A 415 -9.03 9.15 9.24
CA GLU A 415 -10.04 9.10 10.29
C GLU A 415 -11.43 9.31 9.68
N ARG A 416 -12.43 8.71 10.30
CA ARG A 416 -13.81 8.97 9.92
C ARG A 416 -14.33 10.24 10.58
N VAL A 417 -15.34 10.83 9.94
CA VAL A 417 -16.03 11.98 10.51
C VAL A 417 -17.30 11.45 11.16
N THR A 418 -18.07 12.32 11.84
CA THR A 418 -19.26 11.93 12.61
C THR A 418 -18.93 10.97 13.75
#